data_2AHT
#
_entry.id   2AHT
#
_entity_poly.entity_id   1
_entity_poly.type   'polyribonucleotide'
_entity_poly.pdbx_seq_one_letter_code
;GGAGCGGGGGUGUAAACCUAUCGCUCC
;
_entity_poly.pdbx_strand_id   A
#